data_5TUY
#
_entry.id   5TUY
#
_cell.length_a   56.970
_cell.length_b   82.300
_cell.length_c   73.740
_cell.angle_alpha   90.000
_cell.angle_beta   89.970
_cell.angle_gamma   90.000
#
_symmetry.space_group_name_H-M   'P 1 21 1'
#
loop_
_entity.id
_entity.type
_entity.pdbx_description
1 polymer 'Histone-lysine N-methyltransferase EHMT2'
2 non-polymer 'ZINC ION'
3 non-polymer S-ADENOSYLMETHIONINE
4 non-polymer 6,7-dimethoxy-N-(1-methylpiperidin-4-yl)-2-(morpholin-4-yl)quinazolin-4-amine
5 water water
#
_entity_poly.entity_id   1
_entity_poly.type   'polypeptide(L)'
_entity_poly.pdbx_seq_one_letter_code
;IICRDVARGYENVPIPCVNGVDGEPCPEDYKYISENCETSTMNIDRNITHLQHCTCVDDCSSSNCLCGQLSIRCWYDKDG
RLLQEFNKIEPPLIFECNQACSCWRNCKNRVVQSGIKVRLQLYRTAKMGWGVRALQTIPQGTFICEYVGELISDAEADVR
EDDSYLFDLDNKDGEVYCIDARYYGNISRFINHLCDPNIIPVRVFMLHQDLRFPRIAFFSSRDIRTGEELGFDYGDRFWD
IKSKYFTCQCGSEKCKHSAEAIALEQSK
;
_entity_poly.pdbx_strand_id   A,B
#
loop_
_chem_comp.id
_chem_comp.type
_chem_comp.name
_chem_comp.formula
7L6 non-polymer 6,7-dimethoxy-N-(1-methylpiperidin-4-yl)-2-(morpholin-4-yl)quinazolin-4-amine 'C20 H29 N5 O3'
SAM non-polymer S-ADENOSYLMETHIONINE 'C15 H22 N6 O5 S'
ZN non-polymer 'ZINC ION' 'Zn 2'
#
# COMPACT_ATOMS: atom_id res chain seq x y z
N ILE A 1 23.37 18.69 8.45
CA ILE A 1 21.95 18.84 8.21
C ILE A 1 21.67 18.99 6.70
N ILE A 2 22.52 18.41 5.87
CA ILE A 2 22.38 18.63 4.43
C ILE A 2 21.10 17.99 3.89
N CYS A 3 20.79 16.77 4.33
CA CYS A 3 19.64 16.10 3.74
C CYS A 3 18.37 16.27 4.61
N ARG A 4 17.39 16.98 4.06
CA ARG A 4 16.12 17.30 4.75
C ARG A 4 15.19 16.08 4.98
N ASP A 5 15.24 15.09 4.09
CA ASP A 5 14.45 13.85 4.26
C ASP A 5 15.08 12.62 3.59
N VAL A 6 15.60 11.71 4.39
CA VAL A 6 16.25 10.54 3.84
C VAL A 6 15.23 9.58 3.21
N ALA A 7 13.95 9.81 3.48
CA ALA A 7 12.87 8.91 3.00
C ALA A 7 12.27 9.36 1.65
N ARG A 8 12.74 10.49 1.13
CA ARG A 8 12.29 11.06 -0.14
C ARG A 8 10.77 11.17 -0.24
N GLY A 9 10.13 11.59 0.85
CA GLY A 9 8.69 11.83 0.86
C GLY A 9 7.82 10.60 0.95
N TYR A 10 8.42 9.45 1.24
CA TYR A 10 7.67 8.21 1.32
C TYR A 10 6.96 7.98 2.65
N GLU A 11 7.35 8.73 3.68
CA GLU A 11 6.75 8.56 4.99
C GLU A 11 5.79 9.72 5.26
N ASN A 12 4.90 9.57 6.24
CA ASN A 12 3.96 10.63 6.62
C ASN A 12 4.69 11.92 6.97
N VAL A 13 5.92 11.77 7.46
CA VAL A 13 6.77 12.87 7.90
C VAL A 13 8.18 12.72 7.37
N PRO A 14 8.89 13.84 7.20
CA PRO A 14 10.29 13.81 6.78
C PRO A 14 11.23 13.33 7.87
N ILE A 15 12.31 12.66 7.49
CA ILE A 15 13.31 12.21 8.44
C ILE A 15 14.67 12.77 8.06
N PRO A 16 15.05 13.89 8.68
CA PRO A 16 16.28 14.57 8.25
C PRO A 16 17.53 13.90 8.78
N CYS A 17 18.67 14.14 8.11
CA CYS A 17 19.96 13.68 8.60
C CYS A 17 20.92 14.82 8.92
N VAL A 18 21.57 14.76 10.09
CA VAL A 18 22.62 15.71 10.45
C VAL A 18 23.87 15.00 10.97
N ASN A 19 25.01 15.67 10.84
CA ASN A 19 26.26 15.14 11.35
C ASN A 19 27.05 16.28 11.98
N GLY A 20 27.32 16.16 13.28
CA GLY A 20 28.10 17.17 13.97
C GLY A 20 29.37 16.61 14.57
N VAL A 21 29.76 15.41 14.14
CA VAL A 21 30.91 14.75 14.72
C VAL A 21 32.11 14.67 13.77
N ASP A 22 31.87 14.38 12.50
CA ASP A 22 32.97 14.30 11.54
C ASP A 22 32.58 14.67 10.11
N GLY A 23 33.48 14.37 9.16
CA GLY A 23 33.30 14.70 7.76
C GLY A 23 32.55 13.67 6.95
N GLU A 24 32.09 12.62 7.61
CA GLU A 24 31.30 11.59 6.96
C GLU A 24 29.93 12.16 6.54
N PRO A 25 29.59 12.06 5.24
CA PRO A 25 28.30 12.52 4.71
C PRO A 25 27.20 11.51 4.95
N CYS A 26 25.95 11.98 4.85
CA CYS A 26 24.78 11.17 5.12
C CYS A 26 24.81 9.89 4.29
N PRO A 27 24.64 8.74 4.95
CA PRO A 27 24.91 7.44 4.32
C PRO A 27 24.03 7.17 3.12
N GLU A 28 24.62 6.71 2.02
CA GLU A 28 23.84 6.43 0.82
C GLU A 28 24.23 5.12 0.11
N ASP A 29 24.69 4.12 0.85
CA ASP A 29 25.05 2.85 0.22
C ASP A 29 23.92 1.83 0.42
N TYR A 30 22.69 2.33 0.39
CA TYR A 30 21.50 1.52 0.55
C TYR A 30 20.34 2.24 -0.15
N LYS A 31 19.24 1.52 -0.39
CA LYS A 31 18.04 2.11 -0.98
C LYS A 31 16.92 2.27 0.07
N TYR A 32 16.37 3.48 0.20
CA TYR A 32 15.26 3.68 1.15
C TYR A 32 13.93 3.17 0.60
N ILE A 33 13.25 2.35 1.38
CA ILE A 33 11.91 1.86 1.04
C ILE A 33 11.01 1.97 2.27
N SER A 34 9.75 2.37 2.09
CA SER A 34 8.85 2.53 3.24
C SER A 34 8.10 1.22 3.53
N GLU A 35 8.27 0.24 2.66
CA GLU A 35 7.67 -1.09 2.87
C GLU A 35 8.55 -2.25 2.47
N ASN A 36 8.29 -3.39 3.08
CA ASN A 36 9.07 -4.56 2.80
C ASN A 36 8.99 -4.93 1.31
N CYS A 37 10.14 -5.34 0.77
CA CYS A 37 10.27 -5.79 -0.61
C CYS A 37 10.72 -7.25 -0.65
N GLU A 38 10.68 -7.86 -1.84
CA GLU A 38 11.17 -9.22 -2.08
C GLU A 38 12.24 -9.18 -3.15
N THR A 39 13.09 -10.20 -3.20
CA THR A 39 14.03 -10.32 -4.29
C THR A 39 13.81 -11.62 -5.01
N SER A 40 13.34 -12.62 -4.28
CA SER A 40 12.87 -13.84 -4.90
C SER A 40 11.63 -14.22 -4.13
N THR A 41 10.70 -14.89 -4.78
CA THR A 41 9.34 -15.01 -4.25
C THR A 41 9.27 -15.63 -2.85
N MET A 42 8.40 -15.05 -2.03
CA MET A 42 8.16 -15.54 -0.69
C MET A 42 6.84 -16.29 -0.64
N ASN A 43 6.02 -16.12 -1.69
CA ASN A 43 4.72 -16.79 -1.82
C ASN A 43 3.84 -16.56 -0.60
N ILE A 44 3.72 -15.30 -0.23
CA ILE A 44 2.90 -14.89 0.91
C ILE A 44 1.45 -15.23 0.65
N ASP A 45 0.77 -15.82 1.63
CA ASP A 45 -0.65 -16.11 1.47
C ASP A 45 -1.46 -14.81 1.41
N ARG A 46 -1.89 -14.43 0.21
CA ARG A 46 -2.67 -13.21 0.00
C ARG A 46 -4.15 -13.46 -0.27
N ASN A 47 -4.63 -14.65 0.09
CA ASN A 47 -6.03 -14.99 -0.12
C ASN A 47 -6.92 -14.15 0.78
N ILE A 48 -7.69 -13.23 0.21
CA ILE A 48 -8.51 -12.33 1.02
C ILE A 48 -9.51 -13.13 1.89
N THR A 49 -9.86 -14.35 1.50
CA THR A 49 -10.74 -15.16 2.31
C THR A 49 -10.01 -15.82 3.46
N HIS A 50 -8.68 -15.82 3.45
CA HIS A 50 -7.94 -16.38 4.59
C HIS A 50 -7.75 -15.35 5.69
N LEU A 51 -8.28 -14.14 5.48
CA LEU A 51 -8.24 -13.10 6.49
C LEU A 51 -9.33 -13.27 7.54
N GLN A 52 -8.94 -13.35 8.81
CA GLN A 52 -9.91 -13.26 9.90
C GLN A 52 -10.27 -11.80 10.11
N HIS A 53 -11.55 -11.51 10.19
CA HIS A 53 -11.99 -10.12 10.21
C HIS A 53 -13.11 -9.97 11.20
N CYS A 54 -13.42 -8.71 11.55
CA CYS A 54 -14.46 -8.46 12.54
C CYS A 54 -15.74 -7.93 11.88
N THR A 55 -16.79 -7.75 12.67
CA THR A 55 -18.07 -7.30 12.14
C THR A 55 -18.40 -5.93 12.70
N CYS A 56 -17.42 -5.34 13.38
CA CYS A 56 -17.59 -4.07 14.08
C CYS A 56 -18.02 -2.96 13.14
N VAL A 57 -18.84 -2.07 13.67
CA VAL A 57 -19.35 -0.97 12.89
C VAL A 57 -19.06 0.33 13.65
N ASP A 58 -18.47 0.15 14.84
CA ASP A 58 -18.04 1.25 15.69
C ASP A 58 -16.55 1.45 15.48
N ASP A 59 -15.85 1.99 16.48
CA ASP A 59 -14.43 2.30 16.30
C ASP A 59 -13.54 1.12 16.71
N CYS A 60 -14.17 -0.04 16.88
CA CYS A 60 -13.53 -1.29 17.29
C CYS A 60 -12.93 -1.22 18.69
N SER A 61 -13.46 -0.33 19.53
CA SER A 61 -13.06 -0.21 20.92
C SER A 61 -13.92 -1.14 21.78
N SER A 62 -14.82 -1.83 21.13
CA SER A 62 -15.70 -2.74 21.83
C SER A 62 -14.99 -4.04 22.13
N SER A 63 -15.52 -4.78 23.09
CA SER A 63 -14.97 -6.07 23.47
C SER A 63 -15.34 -7.14 22.47
N ASN A 64 -16.27 -6.82 21.59
CA ASN A 64 -16.78 -7.79 20.63
C ASN A 64 -15.91 -7.98 19.42
N CYS A 65 -14.95 -7.09 19.22
CA CYS A 65 -14.13 -7.12 18.01
C CYS A 65 -13.21 -8.33 17.91
N LEU A 66 -13.51 -9.23 16.97
CA LEU A 66 -12.77 -10.46 16.75
C LEU A 66 -11.29 -10.18 16.56
N CYS A 67 -10.99 -9.10 15.85
CA CYS A 67 -9.61 -8.74 15.58
C CYS A 67 -8.87 -8.47 16.90
N GLY A 68 -9.47 -7.67 17.78
CA GLY A 68 -8.89 -7.43 19.09
C GLY A 68 -8.77 -8.70 19.92
N GLN A 69 -9.74 -9.59 19.77
CA GLN A 69 -9.76 -10.86 20.49
C GLN A 69 -8.63 -11.77 20.07
N LEU A 70 -8.12 -11.60 18.85
CA LEU A 70 -7.03 -12.46 18.40
C LEU A 70 -5.75 -12.27 19.20
N SER A 71 -5.55 -11.07 19.75
CA SER A 71 -4.48 -10.78 20.70
C SER A 71 -5.03 -10.81 22.14
N ILE A 72 -6.18 -11.48 22.28
CA ILE A 72 -6.98 -11.54 23.49
C ILE A 72 -7.72 -10.22 23.73
N ARG A 73 -7.05 -9.10 23.53
CA ARG A 73 -7.71 -7.81 23.63
C ARG A 73 -6.95 -6.80 22.80
N CYS A 74 -7.62 -5.77 22.33
CA CYS A 74 -6.93 -4.71 21.62
C CYS A 74 -6.01 -4.06 22.65
N TRP A 75 -4.74 -3.88 22.29
CA TRP A 75 -3.77 -3.41 23.26
C TRP A 75 -3.46 -1.93 23.11
N TYR A 76 -4.20 -1.29 22.21
CA TYR A 76 -4.07 0.14 22.01
C TYR A 76 -5.14 0.85 22.82
N ASP A 77 -4.80 2.04 23.33
CA ASP A 77 -5.78 2.88 23.99
C ASP A 77 -6.46 3.84 23.02
N LYS A 78 -7.21 4.80 23.55
CA LYS A 78 -7.93 5.76 22.72
C LYS A 78 -6.98 6.63 21.92
N ASP A 79 -5.73 6.72 22.38
CA ASP A 79 -4.73 7.55 21.74
C ASP A 79 -3.78 6.75 20.86
N GLY A 80 -3.93 5.43 20.87
CA GLY A 80 -3.13 4.60 19.99
C GLY A 80 -1.88 4.07 20.65
N ARG A 81 -1.79 4.28 21.96
CA ARG A 81 -0.62 3.83 22.71
C ARG A 81 -0.92 2.53 23.40
N LEU A 82 0.10 1.67 23.50
CA LEU A 82 -0.02 0.42 24.25
C LEU A 82 -0.59 0.63 25.66
N LEU A 83 -1.26 -0.40 26.19
CA LEU A 83 -1.77 -0.32 27.57
C LEU A 83 -0.62 -0.43 28.56
N GLN A 84 -0.78 0.19 29.72
CA GLN A 84 0.27 0.17 30.75
C GLN A 84 0.63 -1.26 31.10
N GLU A 85 -0.41 -2.08 31.14
CA GLU A 85 -0.36 -3.50 31.45
C GLU A 85 0.19 -4.40 30.33
N PHE A 86 0.54 -3.83 29.18
CA PHE A 86 1.06 -4.62 28.06
C PHE A 86 2.35 -5.39 28.40
N ASN A 87 2.38 -6.66 28.02
CA ASN A 87 3.54 -7.49 28.30
C ASN A 87 4.78 -7.06 27.49
N LYS A 88 5.62 -6.23 28.10
CA LYS A 88 6.81 -5.73 27.41
C LYS A 88 7.97 -6.74 27.39
N ILE A 89 7.80 -7.90 28.02
CA ILE A 89 8.86 -8.91 28.04
C ILE A 89 8.63 -10.01 27.00
N GLU A 90 7.41 -10.54 26.95
CA GLU A 90 7.04 -11.46 25.87
C GLU A 90 5.73 -10.98 25.29
N PRO A 91 5.83 -10.08 24.29
CA PRO A 91 4.68 -9.41 23.67
C PRO A 91 3.83 -10.38 22.88
N PRO A 92 2.51 -10.19 22.90
CA PRO A 92 1.65 -11.06 22.08
C PRO A 92 1.73 -10.66 20.62
N LEU A 93 1.24 -11.52 19.72
CA LEU A 93 1.11 -11.17 18.31
C LEU A 93 -0.14 -10.32 18.14
N ILE A 94 -0.02 -9.13 17.55
CA ILE A 94 -1.17 -8.27 17.34
C ILE A 94 -1.78 -8.35 15.94
N PHE A 95 -3.10 -8.51 15.89
CA PHE A 95 -3.82 -8.51 14.61
C PHE A 95 -4.63 -7.24 14.47
N GLU A 96 -4.18 -6.36 13.59
CA GLU A 96 -4.86 -5.09 13.36
C GLU A 96 -5.95 -5.38 12.34
N CYS A 97 -6.98 -4.53 12.31
CA CYS A 97 -8.09 -4.63 11.35
C CYS A 97 -7.63 -4.52 9.89
N ASN A 98 -8.37 -5.17 8.99
CA ASN A 98 -7.96 -5.27 7.59
C ASN A 98 -9.08 -4.96 6.59
N GLN A 99 -8.81 -5.19 5.31
CA GLN A 99 -9.76 -4.85 4.24
C GLN A 99 -10.98 -5.75 4.28
N ALA A 100 -10.87 -6.94 4.87
CA ALA A 100 -12.04 -7.82 4.99
C ALA A 100 -12.92 -7.45 6.19
N CYS A 101 -12.41 -6.59 7.07
CA CYS A 101 -13.21 -6.09 8.20
C CYS A 101 -14.24 -5.10 7.71
N SER A 102 -15.35 -4.99 8.45
CA SER A 102 -16.42 -4.12 8.03
C SER A 102 -16.32 -2.70 8.61
N CYS A 103 -15.33 -2.50 9.48
CA CYS A 103 -15.10 -1.19 10.05
C CYS A 103 -14.52 -0.26 9.02
N TRP A 104 -14.61 1.05 9.30
CA TRP A 104 -13.97 2.06 8.48
C TRP A 104 -12.45 2.07 8.74
N ARG A 105 -11.70 2.78 7.90
CA ARG A 105 -10.24 2.81 7.96
C ARG A 105 -9.70 3.62 9.15
N ASN A 106 -10.53 4.46 9.77
CA ASN A 106 -10.10 5.28 10.92
C ASN A 106 -10.50 4.62 12.26
N CYS A 107 -10.51 3.30 12.20
CA CYS A 107 -10.76 2.39 13.30
C CYS A 107 -9.65 2.49 14.35
N LYS A 108 -9.89 2.01 15.57
CA LYS A 108 -8.89 2.18 16.62
C LYS A 108 -7.98 0.96 16.75
N ASN A 109 -8.07 0.07 15.78
CA ASN A 109 -7.19 -1.09 15.72
C ASN A 109 -6.31 -0.98 14.47
N ARG A 110 -5.78 0.20 14.20
CA ARG A 110 -5.01 0.36 12.96
C ARG A 110 -3.74 1.20 13.09
N VAL A 111 -3.11 1.15 14.27
CA VAL A 111 -2.03 2.06 14.61
C VAL A 111 -0.84 1.94 13.66
N VAL A 112 -0.25 0.76 13.59
CA VAL A 112 0.93 0.51 12.76
C VAL A 112 0.67 0.75 11.27
N GLN A 113 -0.51 0.39 10.78
CA GLN A 113 -0.74 0.52 9.34
C GLN A 113 -0.91 1.99 8.95
N SER A 114 -0.95 2.86 9.94
CA SER A 114 -1.07 4.29 9.67
C SER A 114 0.28 4.99 9.62
N GLY A 115 1.35 4.22 9.76
CA GLY A 115 2.70 4.71 9.55
C GLY A 115 3.20 5.65 10.61
N ILE A 116 4.37 6.24 10.35
CA ILE A 116 5.10 7.04 11.33
C ILE A 116 4.40 8.35 11.65
N LYS A 117 4.38 8.70 12.94
CA LYS A 117 3.84 10.01 13.38
C LYS A 117 4.81 10.86 14.23
N VAL A 118 5.83 10.27 14.87
CA VAL A 118 6.77 11.09 15.64
C VAL A 118 7.92 11.61 14.79
N ARG A 119 8.52 12.71 15.22
CA ARG A 119 9.68 13.31 14.54
C ARG A 119 10.97 12.60 14.92
N LEU A 120 11.66 12.05 13.94
CA LEU A 120 12.90 11.32 14.18
C LEU A 120 14.02 11.97 13.39
N GLN A 121 15.26 11.72 13.83
CA GLN A 121 16.43 12.28 13.15
C GLN A 121 17.58 11.30 13.06
N LEU A 122 18.04 11.08 11.83
CA LEU A 122 19.25 10.31 11.59
C LEU A 122 20.44 11.21 11.87
N TYR A 123 21.33 10.78 12.76
CA TYR A 123 22.47 11.62 13.16
C TYR A 123 23.71 10.79 13.40
N ARG A 124 24.86 11.44 13.39
CA ARG A 124 26.11 10.75 13.65
C ARG A 124 26.35 10.67 15.15
N THR A 125 26.52 9.45 15.65
CA THR A 125 26.84 9.28 17.06
C THR A 125 28.34 9.47 17.28
N ALA A 126 28.78 9.20 18.50
CA ALA A 126 30.17 9.41 18.88
C ALA A 126 31.03 8.13 18.76
N LYS A 127 30.45 6.98 19.07
CA LYS A 127 31.20 5.74 19.05
C LYS A 127 30.49 4.62 18.28
N MET A 128 29.27 4.87 17.80
CA MET A 128 28.48 3.81 17.17
C MET A 128 28.10 4.08 15.70
N GLY A 129 28.76 5.06 15.09
CA GLY A 129 28.44 5.44 13.73
C GLY A 129 27.12 6.20 13.65
N TRP A 130 26.27 5.84 12.68
CA TRP A 130 24.99 6.51 12.55
C TRP A 130 23.99 5.95 13.54
N GLY A 131 23.11 6.81 14.04
CA GLY A 131 22.01 6.41 14.90
C GLY A 131 20.73 7.23 14.66
N VAL A 132 19.70 6.97 15.47
CA VAL A 132 18.41 7.64 15.32
C VAL A 132 18.01 8.23 16.64
N ARG A 133 17.49 9.45 16.63
CA ARG A 133 17.01 10.05 17.87
C ARG A 133 15.71 10.78 17.73
N ALA A 134 15.11 11.12 18.87
CA ALA A 134 13.84 11.80 18.86
C ALA A 134 14.03 13.33 18.81
N LEU A 135 13.25 13.97 17.95
CA LEU A 135 13.22 15.43 17.93
C LEU A 135 12.03 15.91 18.75
N GLN A 136 11.61 15.07 19.69
CA GLN A 136 10.41 15.30 20.47
C GLN A 136 10.36 14.25 21.55
N THR A 137 9.58 14.51 22.59
CA THR A 137 9.33 13.49 23.59
C THR A 137 8.40 12.42 23.02
N ILE A 138 8.59 11.19 23.50
CA ILE A 138 7.77 10.07 23.11
C ILE A 138 7.32 9.34 24.38
N PRO A 139 6.03 9.41 24.68
CA PRO A 139 5.41 8.73 25.81
C PRO A 139 5.51 7.22 25.68
N GLN A 140 5.60 6.51 26.79
CA GLN A 140 5.59 5.04 26.78
C GLN A 140 4.43 4.50 25.93
N GLY A 141 4.69 3.47 25.15
CA GLY A 141 3.66 2.75 24.44
C GLY A 141 3.38 3.31 23.07
N THR A 142 4.17 4.31 22.67
CA THR A 142 3.94 4.97 21.39
C THR A 142 4.59 4.24 20.25
N PHE A 143 3.85 4.03 19.16
CA PHE A 143 4.45 3.47 17.96
C PHE A 143 5.42 4.45 17.30
N ILE A 144 6.63 3.98 17.06
CA ILE A 144 7.69 4.78 16.49
C ILE A 144 7.82 4.60 14.98
N CYS A 145 8.15 3.38 14.57
CA CYS A 145 8.47 3.06 13.19
C CYS A 145 8.52 1.55 13.04
N GLU A 146 8.57 1.08 11.79
CA GLU A 146 8.58 -0.35 11.50
C GLU A 146 9.96 -0.79 11.01
N TYR A 147 10.36 -2.01 11.33
CA TYR A 147 11.60 -2.58 10.82
C TYR A 147 11.33 -3.10 9.42
N VAL A 148 11.73 -2.29 8.44
CA VAL A 148 11.48 -2.58 7.04
C VAL A 148 12.76 -3.00 6.29
N GLY A 149 12.64 -4.01 5.43
CA GLY A 149 13.74 -4.48 4.64
C GLY A 149 13.34 -5.51 3.60
N GLU A 150 14.32 -6.32 3.22
CA GLU A 150 14.13 -7.35 2.23
C GLU A 150 13.78 -8.68 2.90
N LEU A 151 12.60 -9.22 2.60
CA LEU A 151 12.18 -10.53 3.13
C LEU A 151 12.97 -11.66 2.48
N ILE A 152 13.76 -12.35 3.29
CA ILE A 152 14.54 -13.50 2.85
C ILE A 152 14.35 -14.70 3.78
N SER A 153 14.81 -15.87 3.33
CA SER A 153 14.75 -17.09 4.15
C SER A 153 15.94 -17.24 5.07
N ASP A 154 15.82 -18.12 6.06
CA ASP A 154 16.96 -18.44 6.92
C ASP A 154 18.13 -18.93 6.07
N ALA A 155 17.82 -19.76 5.08
CA ALA A 155 18.81 -20.34 4.18
C ALA A 155 19.61 -19.28 3.46
N GLU A 156 18.90 -18.26 2.97
CA GLU A 156 19.52 -17.17 2.23
C GLU A 156 20.32 -16.26 3.17
N ALA A 157 19.83 -16.10 4.38
CA ALA A 157 20.53 -15.32 5.37
C ALA A 157 21.90 -15.95 5.68
N ASP A 158 21.96 -17.28 5.63
CA ASP A 158 23.21 -17.98 5.88
C ASP A 158 24.25 -17.70 4.79
N VAL A 159 23.78 -17.41 3.59
CA VAL A 159 24.64 -17.21 2.45
C VAL A 159 25.16 -15.78 2.30
N ARG A 160 24.54 -14.83 2.99
CA ARG A 160 24.97 -13.44 2.87
C ARG A 160 26.01 -13.09 3.93
N GLU A 161 27.16 -12.63 3.49
CA GLU A 161 28.24 -12.34 4.43
C GLU A 161 27.97 -11.14 5.34
N ASP A 162 27.39 -10.09 4.79
CA ASP A 162 27.10 -8.90 5.60
C ASP A 162 25.79 -9.07 6.37
N ASP A 163 25.90 -9.30 7.67
CA ASP A 163 24.75 -9.61 8.51
C ASP A 163 24.49 -8.60 9.60
N SER A 164 24.90 -7.37 9.35
CA SER A 164 24.84 -6.35 10.38
C SER A 164 23.47 -5.67 10.41
N TYR A 165 22.61 -6.02 9.46
CA TYR A 165 21.29 -5.42 9.35
C TYR A 165 20.20 -6.49 9.23
N LEU A 166 20.31 -7.56 10.01
CA LEU A 166 19.31 -8.63 10.02
C LEU A 166 18.36 -8.64 11.19
N PHE A 167 17.08 -8.85 10.93
CA PHE A 167 16.14 -9.12 12.00
C PHE A 167 15.53 -10.50 11.80
N ASP A 168 15.57 -11.35 12.81
CA ASP A 168 15.06 -12.70 12.69
C ASP A 168 13.55 -12.77 12.91
N LEU A 169 12.87 -13.55 12.08
CA LEU A 169 11.46 -13.86 12.25
C LEU A 169 11.27 -15.34 12.53
N ASP A 170 11.30 -15.71 13.80
CA ASP A 170 11.21 -17.10 14.21
C ASP A 170 9.80 -17.52 14.60
N ASN A 171 9.04 -17.92 13.58
CA ASN A 171 7.74 -18.55 13.70
C ASN A 171 7.78 -19.78 14.61
N LYS A 172 6.69 -20.04 15.32
CA LYS A 172 6.62 -21.18 16.25
C LYS A 172 6.84 -22.52 15.55
N ASP A 173 6.11 -22.73 14.47
CA ASP A 173 6.18 -23.96 13.70
C ASP A 173 7.60 -24.29 13.22
N GLY A 174 8.46 -23.28 13.22
CA GLY A 174 9.74 -23.36 12.54
C GLY A 174 9.56 -22.66 11.20
N GLU A 175 10.45 -22.95 10.26
CA GLU A 175 10.50 -22.27 8.97
C GLU A 175 10.67 -20.77 9.20
N VAL A 176 11.91 -20.40 9.45
CA VAL A 176 12.27 -19.06 9.88
C VAL A 176 12.59 -18.18 8.67
N TYR A 177 12.25 -16.92 8.77
CA TYR A 177 12.56 -15.97 7.72
C TYR A 177 13.22 -14.76 8.35
N CYS A 178 13.85 -13.94 7.54
CA CYS A 178 14.56 -12.80 8.07
C CYS A 178 14.21 -11.54 7.31
N ILE A 179 14.24 -10.42 8.00
CA ILE A 179 14.22 -9.16 7.32
C ILE A 179 15.67 -8.72 7.21
N ASP A 180 16.12 -8.47 5.99
CA ASP A 180 17.46 -8.00 5.72
C ASP A 180 17.43 -6.60 5.16
N ALA A 181 17.89 -5.63 5.95
CA ALA A 181 17.85 -4.22 5.55
C ALA A 181 19.21 -3.67 5.08
N ARG A 182 20.11 -4.53 4.64
CA ARG A 182 21.41 -4.02 4.20
C ARG A 182 21.33 -3.25 2.89
N TYR A 183 20.60 -3.78 1.91
CA TYR A 183 20.52 -3.12 0.59
C TYR A 183 19.25 -2.33 0.47
N TYR A 184 18.17 -2.87 1.04
CA TYR A 184 16.89 -2.16 1.11
C TYR A 184 16.39 -2.07 2.55
N GLY A 185 16.00 -0.88 3.01
CA GLY A 185 15.45 -0.70 4.35
C GLY A 185 14.98 0.71 4.61
N ASN A 186 14.34 0.94 5.76
CA ASN A 186 13.94 2.29 6.15
C ASN A 186 14.76 2.81 7.33
N ILE A 187 14.20 3.79 8.03
CA ILE A 187 14.93 4.46 9.08
C ILE A 187 15.36 3.47 10.17
N SER A 188 14.65 2.35 10.30
CA SER A 188 14.97 1.38 11.34
CA SER A 188 14.96 1.41 11.36
C SER A 188 16.35 0.75 11.22
N ARG A 189 16.90 0.76 10.02
CA ARG A 189 18.18 0.09 9.80
C ARG A 189 19.29 0.82 10.51
N PHE A 190 19.04 2.07 10.88
CA PHE A 190 20.08 2.87 11.52
C PHE A 190 20.01 2.88 13.05
N ILE A 191 19.08 2.11 13.60
CA ILE A 191 18.90 2.10 15.06
C ILE A 191 19.89 1.16 15.76
N ASN A 192 20.59 1.70 16.76
CA ASN A 192 21.66 0.97 17.45
C ASN A 192 21.18 0.09 18.60
N HIS A 193 22.04 -0.83 19.03
CA HIS A 193 21.72 -1.70 20.14
C HIS A 193 21.90 -1.01 21.51
N LEU A 194 20.89 -1.16 22.35
CA LEU A 194 20.97 -0.63 23.71
C LEU A 194 20.74 -1.74 24.71
N CYS A 195 21.68 -1.94 25.62
CA CYS A 195 21.53 -3.02 26.60
C CYS A 195 20.34 -2.71 27.53
N ASP A 196 20.11 -1.43 27.80
CA ASP A 196 18.89 -0.96 28.47
C ASP A 196 18.07 -0.17 27.46
N PRO A 197 17.34 -0.88 26.59
CA PRO A 197 16.67 -0.33 25.41
C PRO A 197 15.42 0.46 25.75
N ASN A 198 15.05 1.40 24.91
CA ASN A 198 13.83 2.14 25.18
C ASN A 198 12.76 1.86 24.13
N ILE A 199 13.04 0.96 23.19
CA ILE A 199 12.00 0.48 22.27
C ILE A 199 11.99 -1.05 22.26
N ILE A 200 10.80 -1.61 22.01
CA ILE A 200 10.67 -3.06 21.87
C ILE A 200 10.01 -3.41 20.53
N PRO A 201 10.39 -4.57 19.96
CA PRO A 201 9.70 -5.05 18.77
C PRO A 201 8.41 -5.80 19.09
N VAL A 202 7.37 -5.54 18.31
CA VAL A 202 6.13 -6.31 18.39
C VAL A 202 5.78 -6.89 17.02
N ARG A 203 5.37 -8.16 17.00
CA ARG A 203 4.99 -8.84 15.78
C ARG A 203 3.55 -8.48 15.43
N VAL A 204 3.33 -7.99 14.22
CA VAL A 204 2.03 -7.44 13.85
C VAL A 204 1.55 -7.97 12.50
N PHE A 205 0.26 -8.25 12.41
CA PHE A 205 -0.34 -8.60 11.13
C PHE A 205 -1.34 -7.53 10.76
N MET A 206 -1.36 -7.21 9.46
CA MET A 206 -2.21 -6.17 8.93
C MET A 206 -2.94 -6.58 7.63
N LEU A 207 -2.32 -6.39 6.46
CA LEU A 207 -2.98 -6.68 5.18
C LEU A 207 -3.09 -8.17 4.88
N HIS A 208 -2.26 -8.97 5.52
CA HIS A 208 -2.32 -10.42 5.35
C HIS A 208 -2.14 -11.07 6.70
N GLN A 209 -2.36 -12.38 6.79
CA GLN A 209 -2.16 -13.08 8.05
C GLN A 209 -1.33 -14.33 7.83
N ASP A 210 -0.36 -14.23 6.94
CA ASP A 210 0.64 -15.28 6.72
C ASP A 210 1.61 -15.30 7.89
N LEU A 211 1.48 -16.31 8.75
CA LEU A 211 2.21 -16.36 10.02
C LEU A 211 3.73 -16.47 9.88
N ARG A 212 4.20 -16.91 8.73
CA ARG A 212 5.62 -16.91 8.45
C ARG A 212 6.16 -15.49 8.36
N PHE A 213 5.28 -14.53 8.10
CA PHE A 213 5.76 -13.18 7.84
C PHE A 213 5.12 -12.09 8.71
N PRO A 214 5.43 -12.13 10.03
CA PRO A 214 5.01 -11.03 10.91
C PRO A 214 5.73 -9.76 10.51
N ARG A 215 5.11 -8.60 10.72
CA ARG A 215 5.80 -7.34 10.45
C ARG A 215 6.18 -6.82 11.80
N ILE A 216 7.37 -6.21 11.85
CA ILE A 216 7.98 -5.81 13.10
C ILE A 216 7.72 -4.33 13.40
N ALA A 217 6.98 -4.06 14.47
CA ALA A 217 6.72 -2.68 14.90
C ALA A 217 7.41 -2.32 16.22
N PHE A 218 8.10 -1.20 16.23
CA PHE A 218 8.77 -0.75 17.43
C PHE A 218 7.92 0.26 18.21
N PHE A 219 7.66 -0.07 19.47
CA PHE A 219 7.01 0.83 20.41
C PHE A 219 8.00 1.23 21.50
N SER A 220 7.80 2.40 22.09
CA SER A 220 8.62 2.83 23.21
C SER A 220 8.24 2.01 24.45
N SER A 221 9.23 1.55 25.20
CA SER A 221 9.00 0.75 26.39
C SER A 221 8.87 1.61 27.65
N ARG A 222 9.17 2.90 27.48
CA ARG A 222 9.15 3.89 28.54
C ARG A 222 9.13 5.30 27.95
N ASP A 223 8.98 6.32 28.79
CA ASP A 223 9.09 7.69 28.31
C ASP A 223 10.51 7.94 27.78
N ILE A 224 10.57 8.65 26.67
CA ILE A 224 11.80 9.02 25.97
C ILE A 224 11.90 10.54 25.85
N ARG A 225 13.02 11.11 26.28
CA ARG A 225 13.16 12.55 26.23
C ARG A 225 13.57 13.06 24.85
N THR A 226 13.32 14.33 24.59
CA THR A 226 13.71 14.95 23.33
C THR A 226 15.21 14.85 23.17
N GLY A 227 15.64 14.34 22.03
CA GLY A 227 17.07 14.21 21.74
C GLY A 227 17.71 12.88 22.13
N GLU A 228 16.96 12.05 22.85
CA GLU A 228 17.41 10.73 23.28
C GLU A 228 17.63 9.74 22.11
N GLU A 229 18.73 9.01 22.14
CA GLU A 229 18.94 7.98 21.13
C GLU A 229 18.02 6.77 21.32
N LEU A 230 17.41 6.33 20.24
CA LEU A 230 16.58 5.14 20.24
C LEU A 230 17.43 3.88 20.11
N GLY A 231 17.07 2.83 20.85
CA GLY A 231 17.73 1.54 20.74
C GLY A 231 16.86 0.38 21.14
N PHE A 232 17.09 -0.78 20.55
CA PHE A 232 16.50 -2.00 21.05
C PHE A 232 17.58 -3.02 21.41
N ASP A 233 17.19 -4.13 22.02
CA ASP A 233 18.11 -5.22 22.27
C ASP A 233 18.22 -6.14 21.05
N TYR A 234 19.34 -6.12 20.34
CA TYR A 234 19.49 -6.97 19.15
C TYR A 234 19.43 -8.45 19.53
N GLY A 235 19.62 -8.79 20.80
CA GLY A 235 19.60 -10.19 21.18
C GLY A 235 20.92 -10.91 21.09
N ASP A 236 20.92 -12.14 21.58
CA ASP A 236 22.17 -12.88 21.78
C ASP A 236 22.75 -13.47 20.51
N ARG A 237 21.89 -13.74 19.52
CA ARG A 237 22.39 -14.31 18.29
C ARG A 237 23.29 -13.30 17.61
N PHE A 238 22.92 -12.03 17.71
CA PHE A 238 23.74 -10.96 17.17
C PHE A 238 25.09 -10.96 17.85
N TRP A 239 25.08 -10.89 19.17
CA TRP A 239 26.32 -10.70 19.92
C TRP A 239 27.17 -11.97 20.00
N ASP A 240 26.53 -13.13 20.07
CA ASP A 240 27.27 -14.37 20.01
C ASP A 240 28.12 -14.43 18.73
N ILE A 241 27.62 -13.85 17.64
CA ILE A 241 28.38 -13.76 16.37
C ILE A 241 29.38 -12.58 16.32
N LYS A 242 28.96 -11.37 16.69
CA LYS A 242 29.74 -10.17 16.42
C LYS A 242 30.81 -9.81 17.48
N SER A 243 30.68 -10.32 18.69
CA SER A 243 31.47 -9.79 19.79
C SER A 243 32.94 -10.22 19.70
N LYS A 244 33.24 -11.20 18.86
CA LYS A 244 34.63 -11.52 18.64
C LYS A 244 35.24 -10.55 17.65
N TYR A 245 34.44 -9.58 17.17
CA TYR A 245 34.90 -8.58 16.20
C TYR A 245 34.88 -7.18 16.81
N PHE A 246 33.84 -6.89 17.58
CA PHE A 246 33.70 -5.64 18.31
C PHE A 246 32.80 -5.84 19.53
N THR A 247 32.88 -4.92 20.48
CA THR A 247 32.16 -5.07 21.72
C THR A 247 31.19 -3.90 21.94
N CYS A 248 30.26 -4.06 22.88
CA CYS A 248 29.19 -3.09 23.01
C CYS A 248 29.67 -1.80 23.60
N GLN A 249 29.11 -0.69 23.12
CA GLN A 249 29.50 0.62 23.59
C GLN A 249 28.31 1.42 24.13
N CYS A 250 27.25 0.73 24.57
CA CYS A 250 26.03 1.43 25.00
C CYS A 250 26.31 2.28 26.23
N GLY A 251 27.31 1.88 27.01
CA GLY A 251 27.76 2.67 28.12
C GLY A 251 26.87 2.60 29.33
N SER A 252 25.84 1.77 29.26
CA SER A 252 24.98 1.55 30.41
C SER A 252 25.77 0.80 31.45
N GLU A 253 25.35 0.92 32.70
CA GLU A 253 25.97 0.14 33.75
C GLU A 253 25.33 -1.24 33.80
N LYS A 254 24.28 -1.43 33.02
CA LYS A 254 23.65 -2.73 32.83
C LYS A 254 24.16 -3.49 31.61
N CYS A 255 25.15 -2.93 30.91
CA CYS A 255 25.65 -3.53 29.68
C CYS A 255 26.11 -4.97 29.93
N LYS A 256 25.69 -5.89 29.05
CA LYS A 256 26.04 -7.31 29.16
C LYS A 256 26.87 -7.78 27.95
N HIS A 257 27.36 -6.83 27.14
CA HIS A 257 28.12 -7.18 25.95
C HIS A 257 29.33 -6.29 25.75
N SER A 258 29.72 -5.56 26.80
CA SER A 258 30.96 -4.78 26.76
C SER A 258 32.16 -5.69 26.96
N ALA A 259 33.31 -5.26 26.46
CA ALA A 259 34.53 -6.02 26.68
C ALA A 259 34.69 -6.29 28.18
N GLU A 260 34.44 -5.27 29.00
CA GLU A 260 34.44 -5.44 30.45
C GLU A 260 33.50 -6.56 30.88
N ALA A 261 32.24 -6.45 30.47
CA ALA A 261 31.21 -7.40 30.83
C ALA A 261 31.55 -8.81 30.38
N ILE A 262 32.01 -8.93 29.13
CA ILE A 262 32.30 -10.22 28.52
C ILE A 262 33.46 -10.90 29.22
N ALA A 263 34.43 -10.11 29.67
CA ALA A 263 35.60 -10.62 30.39
C ALA A 263 35.28 -11.02 31.83
N LEU A 264 34.35 -10.31 32.47
CA LEU A 264 33.97 -10.62 33.84
C LEU A 264 33.29 -11.97 33.96
N GLU A 265 32.55 -12.40 32.94
CA GLU A 265 31.83 -13.66 33.08
C GLU A 265 32.74 -14.90 33.08
N GLN A 266 33.85 -14.90 32.33
CA GLN A 266 34.73 -16.09 32.30
C GLN A 266 35.18 -16.44 33.71
N SER A 267 35.09 -15.45 34.58
CA SER A 267 35.37 -15.49 36.03
C SER A 267 36.79 -15.00 36.27
N CYS B 3 -26.29 7.57 2.55
CA CYS B 3 -25.03 6.98 2.98
C CYS B 3 -23.85 7.95 2.82
N ARG B 4 -23.19 8.28 3.94
CA ARG B 4 -22.11 9.27 3.96
C ARG B 4 -20.83 8.90 3.19
N ASP B 5 -20.40 7.65 3.28
CA ASP B 5 -19.23 7.23 2.52
C ASP B 5 -19.26 5.74 2.26
N VAL B 6 -19.56 5.36 1.02
CA VAL B 6 -19.69 3.96 0.67
C VAL B 6 -18.34 3.29 0.72
N ALA B 7 -17.28 4.11 0.75
CA ALA B 7 -15.92 3.60 0.73
C ALA B 7 -15.32 3.37 2.13
N ARG B 8 -16.05 3.74 3.18
CA ARG B 8 -15.60 3.56 4.58
C ARG B 8 -14.19 4.11 4.85
N GLY B 9 -13.89 5.29 4.32
CA GLY B 9 -12.65 5.98 4.61
C GLY B 9 -11.40 5.43 3.95
N TYR B 10 -11.57 4.47 3.04
CA TYR B 10 -10.44 3.82 2.38
C TYR B 10 -9.92 4.64 1.21
N GLU B 11 -10.69 5.61 0.75
CA GLU B 11 -10.25 6.44 -0.38
C GLU B 11 -9.84 7.81 0.13
N ASN B 12 -9.10 8.56 -0.69
CA ASN B 12 -8.67 9.91 -0.32
C ASN B 12 -9.81 10.82 0.08
N VAL B 13 -10.98 10.60 -0.52
CA VAL B 13 -12.13 11.45 -0.28
C VAL B 13 -13.33 10.58 -0.03
N PRO B 14 -14.32 11.07 0.73
CA PRO B 14 -15.54 10.28 0.90
C PRO B 14 -16.39 10.22 -0.38
N ILE B 15 -17.05 9.09 -0.59
CA ILE B 15 -17.89 8.89 -1.76
C ILE B 15 -19.34 8.54 -1.32
N PRO B 16 -20.25 9.53 -1.32
CA PRO B 16 -21.60 9.31 -0.79
C PRO B 16 -22.52 8.57 -1.77
N CYS B 17 -23.61 8.02 -1.22
CA CYS B 17 -24.70 7.46 -2.01
C CYS B 17 -26.01 8.22 -1.79
N VAL B 18 -26.69 8.57 -2.89
CA VAL B 18 -28.04 9.15 -2.82
C VAL B 18 -29.01 8.48 -3.79
N ASN B 19 -30.29 8.56 -3.47
CA ASN B 19 -31.35 8.09 -4.36
C ASN B 19 -32.54 9.02 -4.32
N GLY B 20 -32.80 9.67 -5.44
CA GLY B 20 -33.93 10.57 -5.60
C GLY B 20 -34.89 10.10 -6.67
N VAL B 21 -34.73 8.84 -7.07
CA VAL B 21 -35.53 8.26 -8.15
C VAL B 21 -36.55 7.23 -7.66
N ASP B 22 -36.15 6.35 -6.74
CA ASP B 22 -37.08 5.35 -6.19
C ASP B 22 -36.72 4.93 -4.75
N GLY B 23 -37.37 3.88 -4.25
CA GLY B 23 -37.23 3.47 -2.87
C GLY B 23 -36.10 2.49 -2.63
N GLU B 24 -35.36 2.19 -3.69
CA GLU B 24 -34.30 1.22 -3.59
C GLU B 24 -33.18 1.71 -2.70
N PRO B 25 -32.82 0.91 -1.70
CA PRO B 25 -31.78 1.32 -0.74
C PRO B 25 -30.37 1.19 -1.29
N CYS B 26 -29.43 1.90 -0.67
CA CYS B 26 -28.03 1.90 -1.07
C CYS B 26 -27.47 0.48 -1.01
N PRO B 27 -26.84 0.03 -2.11
CA PRO B 27 -26.41 -1.37 -2.31
C PRO B 27 -25.38 -1.82 -1.30
N GLU B 28 -25.58 -3.04 -0.78
CA GLU B 28 -24.71 -3.63 0.22
C GLU B 28 -24.38 -5.11 -0.05
N ASP B 29 -24.53 -5.58 -1.29
CA ASP B 29 -24.25 -6.99 -1.60
C ASP B 29 -22.88 -7.14 -2.28
N TYR B 30 -21.93 -6.39 -1.77
CA TYR B 30 -20.56 -6.44 -2.24
C TYR B 30 -19.69 -5.97 -1.10
N LYS B 31 -18.39 -6.22 -1.19
CA LYS B 31 -17.47 -5.68 -0.19
C LYS B 31 -16.71 -4.54 -0.84
N TYR B 32 -16.68 -3.38 -0.20
CA TYR B 32 -15.89 -2.29 -0.75
C TYR B 32 -14.41 -2.54 -0.45
N ILE B 33 -13.58 -2.42 -1.50
CA ILE B 33 -12.12 -2.46 -1.37
C ILE B 33 -11.47 -1.40 -2.25
N SER B 34 -10.42 -0.78 -1.76
CA SER B 34 -9.72 0.26 -2.52
C SER B 34 -8.56 -0.26 -3.37
N GLU B 35 -8.18 -1.52 -3.19
CA GLU B 35 -7.09 -2.10 -3.97
C GLU B 35 -7.42 -3.52 -4.36
N ASN B 36 -6.84 -3.98 -5.45
CA ASN B 36 -7.12 -5.31 -5.95
C ASN B 36 -6.78 -6.44 -4.97
N CYS B 37 -7.65 -7.44 -4.92
CA CYS B 37 -7.47 -8.58 -4.03
C CYS B 37 -7.36 -9.89 -4.79
N GLU B 38 -6.97 -10.94 -4.07
CA GLU B 38 -6.87 -12.28 -4.62
C GLU B 38 -7.73 -13.26 -3.84
N THR B 39 -8.07 -14.40 -4.44
CA THR B 39 -8.66 -15.50 -3.69
C THR B 39 -7.85 -16.77 -3.86
N SER B 40 -7.16 -16.91 -4.98
CA SER B 40 -6.21 -17.99 -5.11
C SER B 40 -5.04 -17.39 -5.83
N THR B 41 -3.84 -17.91 -5.57
CA THR B 41 -2.65 -17.16 -5.96
C THR B 41 -2.61 -16.90 -7.45
N MET B 42 -2.20 -15.67 -7.75
CA MET B 42 -2.01 -15.19 -9.10
C MET B 42 -0.54 -15.19 -9.42
N ASN B 43 0.28 -15.35 -8.37
CA ASN B 43 1.74 -15.36 -8.47
C ASN B 43 2.28 -14.13 -9.20
N ILE B 44 1.83 -12.97 -8.75
CA ILE B 44 2.32 -11.75 -9.36
C ILE B 44 3.82 -11.65 -9.12
N ASP B 45 4.57 -11.36 -10.17
CA ASP B 45 6.00 -11.14 -10.06
C ASP B 45 6.31 -9.85 -9.29
N ARG B 46 6.72 -10.02 -8.03
CA ARG B 46 7.04 -8.90 -7.13
C ARG B 46 8.53 -8.71 -6.90
N ASN B 47 9.34 -9.29 -7.77
CA ASN B 47 10.79 -9.15 -7.64
C ASN B 47 11.22 -7.71 -7.88
N ILE B 48 11.71 -7.05 -6.83
CA ILE B 48 12.07 -5.63 -6.93
C ILE B 48 13.17 -5.38 -7.97
N THR B 49 13.98 -6.41 -8.24
CA THR B 49 15.07 -6.28 -9.22
C THR B 49 14.53 -6.41 -10.64
N HIS B 50 13.27 -6.80 -10.79
CA HIS B 50 12.64 -6.80 -12.11
C HIS B 50 11.97 -5.46 -12.41
N LEU B 51 12.03 -4.52 -11.48
CA LEU B 51 11.48 -3.19 -11.73
C LEU B 51 12.41 -2.37 -12.58
N GLN B 52 11.92 -1.90 -13.71
CA GLN B 52 12.63 -0.87 -14.44
C GLN B 52 12.34 0.46 -13.73
N HIS B 53 13.39 1.26 -13.51
CA HIS B 53 13.27 2.46 -12.70
C HIS B 53 14.10 3.58 -13.29
N CYS B 54 13.94 4.80 -12.80
CA CYS B 54 14.71 5.90 -13.35
C CYS B 54 15.83 6.37 -12.40
N THR B 55 16.65 7.29 -12.89
CA THR B 55 17.78 7.76 -12.11
C THR B 55 17.63 9.25 -11.81
N CYS B 56 16.42 9.76 -12.07
CA CYS B 56 16.14 11.18 -11.94
C CYS B 56 16.42 11.72 -10.52
N VAL B 57 16.84 12.97 -10.48
CA VAL B 57 17.14 13.67 -9.24
C VAL B 57 16.25 14.91 -9.24
N ASP B 58 15.50 15.10 -10.31
CA ASP B 58 14.50 16.15 -10.37
C ASP B 58 13.15 15.53 -10.13
N ASP B 59 12.11 16.17 -10.66
CA ASP B 59 10.71 15.76 -10.49
C ASP B 59 10.19 14.86 -11.62
N CYS B 60 11.11 14.31 -12.40
CA CYS B 60 10.79 13.43 -13.50
C CYS B 60 9.98 14.13 -14.61
N SER B 61 10.15 15.43 -14.74
CA SER B 61 9.53 16.19 -15.83
C SER B 61 10.37 16.30 -17.12
N SER B 62 11.59 15.78 -17.09
CA SER B 62 12.46 15.81 -18.27
C SER B 62 12.21 14.60 -19.18
N SER B 63 12.64 14.69 -20.43
CA SER B 63 12.47 13.59 -21.37
C SER B 63 13.45 12.44 -21.14
N ASN B 64 14.45 12.62 -20.28
CA ASN B 64 15.43 11.58 -20.07
C ASN B 64 14.96 10.49 -19.11
N CYS B 65 13.84 10.75 -18.44
CA CYS B 65 13.27 9.80 -17.49
C CYS B 65 12.83 8.51 -18.19
N LEU B 66 13.52 7.42 -17.87
CA LEU B 66 13.25 6.10 -18.43
C LEU B 66 11.79 5.65 -18.31
N CYS B 67 11.19 5.90 -17.15
CA CYS B 67 9.83 5.51 -16.89
C CYS B 67 8.90 6.19 -17.89
N GLY B 68 9.14 7.47 -18.15
CA GLY B 68 8.42 8.18 -19.17
C GLY B 68 8.71 7.57 -20.55
N GLN B 69 9.96 7.14 -20.76
CA GLN B 69 10.37 6.55 -22.04
C GLN B 69 9.67 5.23 -22.34
N LEU B 70 9.23 4.52 -21.30
CA LEU B 70 8.50 3.25 -21.46
C LEU B 70 7.12 3.45 -22.13
N SER B 71 6.54 4.66 -22.02
CA SER B 71 5.34 5.02 -22.76
C SER B 71 5.64 5.85 -24.00
N ILE B 72 6.89 5.81 -24.47
CA ILE B 72 7.57 6.65 -25.50
C ILE B 72 7.92 8.00 -24.83
N ARG B 73 6.97 8.51 -24.06
CA ARG B 73 7.14 9.75 -23.30
C ARG B 73 6.19 9.76 -22.11
N CYS B 74 6.53 10.50 -21.06
CA CYS B 74 5.61 10.65 -19.96
C CYS B 74 4.37 11.36 -20.49
N TRP B 75 3.18 10.90 -20.12
CA TRP B 75 1.99 11.48 -20.72
C TRP B 75 1.25 12.48 -19.82
N TYR B 76 1.83 12.77 -18.66
CA TYR B 76 1.22 13.73 -17.74
C TYR B 76 1.80 15.13 -17.92
N ASP B 77 0.97 16.16 -17.74
CA ASP B 77 1.49 17.52 -17.69
C ASP B 77 1.78 17.86 -16.24
N LYS B 78 2.07 19.13 -15.98
CA LYS B 78 2.43 19.59 -14.62
C LYS B 78 1.31 19.39 -13.60
N ASP B 79 0.08 19.30 -14.09
CA ASP B 79 -1.10 19.32 -13.23
C ASP B 79 -1.65 17.94 -12.97
N GLY B 80 -1.03 16.95 -13.61
CA GLY B 80 -1.40 15.56 -13.40
C GLY B 80 -2.34 15.03 -14.47
N ARG B 81 -2.56 15.82 -15.51
CA ARG B 81 -3.47 15.46 -16.60
C ARG B 81 -2.77 14.95 -17.84
N LEU B 82 -3.43 14.03 -18.53
CA LEU B 82 -2.96 13.54 -19.82
C LEU B 82 -2.68 14.68 -20.79
N LEU B 83 -1.73 14.49 -21.69
CA LEU B 83 -1.43 15.50 -22.69
C LEU B 83 -2.57 15.64 -23.67
N GLN B 84 -2.67 16.81 -24.29
CA GLN B 84 -3.71 17.07 -25.29
C GLN B 84 -3.61 16.06 -26.45
N GLU B 85 -2.37 15.76 -26.83
CA GLU B 85 -2.09 14.83 -27.92
C GLU B 85 -2.28 13.35 -27.58
N PHE B 86 -2.64 13.04 -26.33
CA PHE B 86 -2.77 11.65 -25.90
C PHE B 86 -3.75 10.88 -26.76
N ASN B 87 -3.33 9.69 -27.18
CA ASN B 87 -4.15 8.82 -28.03
C ASN B 87 -5.34 8.24 -27.26
N LYS B 88 -6.50 8.88 -27.37
CA LYS B 88 -7.68 8.45 -26.60
C LYS B 88 -8.37 7.24 -27.24
N ILE B 89 -7.87 6.80 -28.39
CA ILE B 89 -8.45 5.69 -29.13
C ILE B 89 -7.72 4.39 -28.84
N GLU B 90 -6.39 4.46 -28.91
CA GLU B 90 -5.53 3.36 -28.49
C GLU B 90 -4.44 3.86 -27.56
N PRO B 91 -4.73 3.87 -26.25
CA PRO B 91 -3.83 4.39 -25.24
C PRO B 91 -2.64 3.47 -25.07
N PRO B 92 -1.46 4.05 -24.83
CA PRO B 92 -0.28 3.27 -24.50
C PRO B 92 -0.32 2.77 -23.05
N LEU B 93 0.61 1.87 -22.74
CA LEU B 93 0.84 1.46 -21.37
C LEU B 93 1.67 2.52 -20.65
N ILE B 94 1.18 3.00 -19.52
CA ILE B 94 1.91 3.95 -18.72
C ILE B 94 2.67 3.23 -17.61
N PHE B 95 3.96 3.51 -17.48
CA PHE B 95 4.78 2.99 -16.37
C PHE B 95 5.05 4.11 -15.37
N GLU B 96 4.42 4.06 -14.22
CA GLU B 96 4.64 5.13 -13.25
C GLU B 96 5.86 4.82 -12.42
N CYS B 97 6.48 5.85 -11.87
CA CYS B 97 7.64 5.68 -11.00
C CYS B 97 7.31 4.82 -9.79
N ASN B 98 8.33 4.12 -9.30
CA ASN B 98 8.17 3.12 -8.26
C ASN B 98 9.24 3.22 -7.15
N GLN B 99 9.30 2.21 -6.28
CA GLN B 99 10.25 2.24 -5.17
C GLN B 99 11.70 2.01 -5.63
N ALA B 100 11.92 1.41 -6.79
CA ALA B 100 13.29 1.25 -7.26
C ALA B 100 13.86 2.54 -7.87
N CYS B 101 13.00 3.50 -8.19
CA CYS B 101 13.41 4.80 -8.71
C CYS B 101 14.09 5.63 -7.65
N SER B 102 14.92 6.56 -8.08
CA SER B 102 15.67 7.41 -7.17
C SER B 102 14.98 8.75 -6.94
N CYS B 103 13.89 9.00 -7.65
CA CYS B 103 13.13 10.23 -7.47
C CYS B 103 12.38 10.18 -6.17
N TRP B 104 11.93 11.36 -5.70
CA TRP B 104 11.06 11.44 -4.55
C TRP B 104 9.64 10.99 -4.88
N ARG B 105 8.83 10.81 -3.84
CA ARG B 105 7.47 10.29 -3.96
C ARG B 105 6.52 11.32 -4.59
N ASN B 106 6.92 12.59 -4.63
CA ASN B 106 6.12 13.65 -5.22
C ASN B 106 6.58 14.03 -6.64
N CYS B 107 7.14 13.07 -7.37
CA CYS B 107 7.56 13.33 -8.74
C CYS B 107 6.34 13.44 -9.66
N LYS B 108 6.53 13.81 -10.90
CA LYS B 108 5.38 14.06 -11.76
C LYS B 108 4.91 12.80 -12.49
N ASN B 109 5.46 11.65 -12.12
CA ASN B 109 5.10 10.39 -12.75
C ASN B 109 4.43 9.45 -11.77
N ARG B 110 3.54 10.00 -10.95
CA ARG B 110 2.93 9.23 -9.88
C ARG B 110 1.44 9.53 -9.71
N VAL B 111 0.77 9.87 -10.81
CA VAL B 111 -0.62 10.30 -10.77
C VAL B 111 -1.61 9.24 -10.25
N VAL B 112 -1.72 8.12 -10.95
CA VAL B 112 -2.68 7.08 -10.58
C VAL B 112 -2.40 6.50 -9.19
N GLN B 113 -1.13 6.31 -8.85
CA GLN B 113 -0.79 5.68 -7.58
C GLN B 113 -1.07 6.60 -6.40
N SER B 114 -1.45 7.84 -6.68
CA SER B 114 -1.81 8.78 -5.63
C SER B 114 -3.32 8.85 -5.39
N GLY B 115 -4.07 8.01 -6.11
CA GLY B 115 -5.48 7.80 -5.83
C GLY B 115 -6.45 8.89 -6.20
N ILE B 116 -7.69 8.77 -5.74
CA ILE B 116 -8.79 9.63 -6.18
C ILE B 116 -8.70 11.06 -5.65
N LYS B 117 -8.94 12.06 -6.51
CA LYS B 117 -8.93 13.45 -6.11
C LYS B 117 -10.18 14.24 -6.45
N VAL B 118 -10.98 13.77 -7.41
CA VAL B 118 -12.24 14.46 -7.75
C VAL B 118 -13.46 14.00 -6.89
N ARG B 119 -14.42 14.88 -6.68
CA ARG B 119 -15.64 14.56 -5.90
C ARG B 119 -16.66 13.79 -6.73
N LEU B 120 -16.96 12.56 -6.32
CA LEU B 120 -17.90 11.69 -7.03
C LEU B 120 -19.09 11.27 -6.18
N GLN B 121 -20.16 10.83 -6.85
CA GLN B 121 -21.37 10.43 -6.15
C GLN B 121 -22.01 9.17 -6.76
N LEU B 122 -22.24 8.19 -5.91
CA LEU B 122 -23.06 7.05 -6.29
C LEU B 122 -24.52 7.49 -6.22
N TYR B 123 -25.25 7.33 -7.31
CA TYR B 123 -26.63 7.83 -7.34
C TYR B 123 -27.52 6.90 -8.17
N ARG B 124 -28.82 7.01 -7.98
CA ARG B 124 -29.77 6.20 -8.75
C ARG B 124 -30.15 6.86 -10.06
N THR B 125 -29.92 6.15 -11.16
CA THR B 125 -30.31 6.66 -12.47
C THR B 125 -31.77 6.38 -12.72
N ALA B 126 -32.22 6.68 -13.92
CA ALA B 126 -33.61 6.49 -14.28
C ALA B 126 -33.85 5.15 -14.95
N LYS B 127 -32.89 4.70 -15.75
CA LYS B 127 -33.11 3.49 -16.53
C LYS B 127 -31.99 2.45 -16.41
N MET B 128 -30.90 2.77 -15.73
CA MET B 128 -29.74 1.88 -15.71
C MET B 128 -29.34 1.40 -14.30
N GLY B 129 -30.25 1.53 -13.35
CA GLY B 129 -29.96 1.18 -11.97
C GLY B 129 -29.08 2.25 -11.34
N TRP B 130 -28.06 1.82 -10.60
CA TRP B 130 -27.13 2.76 -9.97
C TRP B 130 -26.09 3.24 -10.96
N GLY B 131 -25.63 4.46 -10.77
CA GLY B 131 -24.52 5.01 -11.53
C GLY B 131 -23.67 5.94 -10.70
N VAL B 132 -22.67 6.55 -11.33
CA VAL B 132 -21.76 7.47 -10.68
C VAL B 132 -21.73 8.77 -11.46
N ARG B 133 -21.74 9.89 -10.76
CA ARG B 133 -21.65 11.18 -11.41
C ARG B 133 -20.69 12.13 -10.70
N ALA B 134 -20.31 13.19 -11.39
CA ALA B 134 -19.37 14.14 -10.84
C ALA B 134 -20.10 15.22 -10.03
N LEU B 135 -19.54 15.55 -8.88
CA LEU B 135 -20.05 16.64 -8.07
C LEU B 135 -19.26 17.94 -8.32
N GLN B 136 -18.66 18.05 -9.49
CA GLN B 136 -17.74 19.16 -9.80
C GLN B 136 -17.37 19.11 -11.27
N THR B 137 -16.89 20.22 -11.82
CA THR B 137 -16.40 20.18 -13.20
C THR B 137 -15.07 19.43 -13.21
N ILE B 138 -14.83 18.69 -14.29
CA ILE B 138 -13.60 17.93 -14.42
C ILE B 138 -13.00 18.12 -15.82
N PRO B 139 -11.83 18.75 -15.86
CA PRO B 139 -11.14 18.99 -17.14
C PRO B 139 -10.74 17.66 -17.80
N GLN B 140 -10.72 17.65 -19.12
CA GLN B 140 -10.21 16.53 -19.91
C GLN B 140 -8.81 16.08 -19.42
N GLY B 141 -8.61 14.77 -19.34
CA GLY B 141 -7.31 14.21 -19.02
C GLY B 141 -7.08 13.95 -17.55
N THR B 142 -8.11 14.18 -16.75
CA THR B 142 -8.03 14.07 -15.30
C THR B 142 -8.21 12.63 -14.87
N PHE B 143 -7.37 12.16 -13.95
CA PHE B 143 -7.57 10.82 -13.38
C PHE B 143 -8.79 10.78 -12.47
N ILE B 144 -9.67 9.83 -12.74
CA ILE B 144 -10.93 9.70 -12.00
C ILE B 144 -10.87 8.69 -10.87
N CYS B 145 -10.61 7.43 -11.22
CA CYS B 145 -10.64 6.33 -10.28
C CYS B 145 -10.07 5.11 -10.98
N GLU B 146 -9.82 4.06 -10.22
CA GLU B 146 -9.28 2.82 -10.80
C GLU B 146 -10.33 1.71 -10.82
N TYR B 147 -10.27 0.82 -11.80
CA TYR B 147 -11.16 -0.34 -11.79
C TYR B 147 -10.58 -1.38 -10.89
N VAL B 148 -11.09 -1.41 -9.67
CA VAL B 148 -10.59 -2.28 -8.64
C VAL B 148 -11.54 -3.42 -8.42
N GLY B 149 -10.98 -4.63 -8.26
CA GLY B 149 -11.78 -5.80 -8.01
C GLY B 149 -10.91 -7.00 -7.67
N GLU B 150 -11.46 -8.17 -7.91
CA GLU B 150 -10.79 -9.44 -7.66
C GLU B 150 -10.08 -9.94 -8.91
N LEU B 151 -8.75 -10.08 -8.82
CA LEU B 151 -7.96 -10.64 -9.90
C LEU B 151 -8.21 -12.13 -10.06
N ILE B 152 -8.76 -12.53 -11.21
CA ILE B 152 -9.01 -13.94 -11.54
C ILE B 152 -8.48 -14.30 -12.93
N SER B 153 -8.35 -15.61 -13.19
CA SER B 153 -7.93 -16.12 -14.50
C SER B 153 -9.10 -16.33 -15.44
N ASP B 154 -8.83 -16.43 -16.73
CA ASP B 154 -9.87 -16.70 -17.71
C ASP B 154 -10.61 -18.02 -17.39
N ALA B 155 -9.87 -19.03 -16.99
CA ALA B 155 -10.46 -20.33 -16.66
C ALA B 155 -11.51 -20.19 -15.57
N GLU B 156 -11.20 -19.36 -14.59
CA GLU B 156 -12.10 -19.10 -13.47
C GLU B 156 -13.24 -18.17 -13.88
N ALA B 157 -12.96 -17.23 -14.78
CA ALA B 157 -13.99 -16.30 -15.26
C ALA B 157 -15.07 -17.08 -15.97
N ASP B 158 -14.66 -18.19 -16.58
CA ASP B 158 -15.61 -19.03 -17.31
C ASP B 158 -16.62 -19.74 -16.41
N VAL B 159 -16.23 -20.04 -15.17
CA VAL B 159 -17.09 -20.81 -14.27
C VAL B 159 -18.04 -19.97 -13.43
N ARG B 160 -17.91 -18.64 -13.52
CA ARG B 160 -18.75 -17.73 -12.73
C ARG B 160 -20.03 -17.31 -13.44
N GLU B 161 -21.17 -17.48 -12.76
CA GLU B 161 -22.47 -17.18 -13.33
C GLU B 161 -22.67 -15.71 -13.64
N ASP B 162 -22.29 -14.85 -12.71
CA ASP B 162 -22.48 -13.42 -12.88
C ASP B 162 -21.27 -12.72 -13.54
N ASP B 163 -21.44 -12.22 -14.77
CA ASP B 163 -20.33 -11.54 -15.47
C ASP B 163 -20.62 -10.07 -15.75
N SER B 164 -21.48 -9.46 -14.96
CA SER B 164 -21.92 -8.10 -15.26
C SER B 164 -20.93 -7.07 -14.76
N TYR B 165 -19.90 -7.51 -14.06
CA TYR B 165 -18.89 -6.63 -13.51
C TYR B 165 -17.48 -7.16 -13.85
N LEU B 166 -17.30 -7.64 -15.07
CA LEU B 166 -16.00 -8.12 -15.52
C LEU B 166 -15.27 -7.13 -16.40
N PHE B 167 -13.98 -6.95 -16.14
CA PHE B 167 -13.13 -6.19 -17.04
C PHE B 167 -12.02 -7.08 -17.57
N ASP B 168 -11.85 -7.14 -18.89
CA ASP B 168 -10.85 -8.04 -19.48
C ASP B 168 -9.44 -7.45 -19.46
N LEU B 169 -8.47 -8.30 -19.15
CA LEU B 169 -7.06 -7.97 -19.29
C LEU B 169 -6.45 -8.95 -20.30
N ASP B 170 -6.40 -8.59 -21.58
CA ASP B 170 -5.92 -9.56 -22.59
C ASP B 170 -4.44 -9.41 -23.03
N GLY B 174 -0.07 -13.57 -24.82
CA GLY B 174 0.12 -14.47 -23.70
C GLY B 174 -1.17 -14.89 -23.00
N GLU B 175 -1.05 -15.34 -21.75
CA GLU B 175 -2.19 -15.85 -20.97
C GLU B 175 -3.14 -14.74 -20.50
N VAL B 176 -4.44 -15.01 -20.51
CA VAL B 176 -5.46 -13.98 -20.23
C VAL B 176 -5.99 -13.98 -18.78
N TYR B 177 -6.28 -12.78 -18.23
CA TYR B 177 -6.85 -12.62 -16.90
C TYR B 177 -7.98 -11.61 -16.89
N CYS B 178 -8.75 -11.56 -15.81
CA CYS B 178 -9.86 -10.60 -15.70
C CYS B 178 -9.95 -9.94 -14.33
N ILE B 179 -10.47 -8.73 -14.28
CA ILE B 179 -10.85 -8.13 -13.00
C ILE B 179 -12.35 -8.32 -12.75
N ASP B 180 -12.68 -8.94 -11.62
CA ASP B 180 -14.07 -9.21 -11.31
C ASP B 180 -14.51 -8.44 -10.09
N ALA B 181 -15.35 -7.42 -10.30
CA ALA B 181 -15.77 -6.56 -9.20
C ALA B 181 -17.20 -6.86 -8.70
N ARG B 182 -17.66 -8.08 -8.89
CA ARG B 182 -19.00 -8.48 -8.42
C ARG B 182 -19.10 -8.63 -6.88
N TYR B 183 -18.11 -9.27 -6.27
CA TYR B 183 -18.13 -9.50 -4.82
C TYR B 183 -17.24 -8.51 -4.07
N TYR B 184 -16.09 -8.22 -4.65
CA TYR B 184 -15.18 -7.22 -4.10
C TYR B 184 -14.92 -6.16 -5.18
N GLY B 185 -15.04 -4.88 -4.82
CA GLY B 185 -14.76 -3.82 -5.77
C GLY B 185 -14.87 -2.42 -5.20
N ASN B 186 -14.53 -1.43 -6.01
CA ASN B 186 -14.67 -0.04 -5.61
C ASN B 186 -15.81 0.66 -6.36
N ILE B 187 -15.73 1.98 -6.41
CA ILE B 187 -16.73 2.84 -6.99
C ILE B 187 -16.88 2.56 -8.49
N SER B 188 -15.81 2.06 -9.11
CA SER B 188 -15.82 1.78 -10.54
C SER B 188 -16.85 0.74 -10.96
N ARG B 189 -17.21 -0.14 -10.03
CA ARG B 189 -18.13 -1.22 -10.36
C ARG B 189 -19.51 -0.69 -10.70
N PHE B 190 -19.81 0.55 -10.30
CA PHE B 190 -21.11 1.17 -10.53
C PHE B 190 -21.17 2.09 -11.76
N ILE B 191 -20.07 2.16 -12.51
CA ILE B 191 -20.05 3.03 -13.66
C ILE B 191 -20.74 2.35 -14.84
N ASN B 192 -21.67 3.06 -15.47
CA ASN B 192 -22.45 2.47 -16.55
C ASN B 192 -21.81 2.56 -17.91
N HIS B 193 -22.31 1.77 -18.85
CA HIS B 193 -21.81 1.88 -20.20
C HIS B 193 -22.43 3.07 -20.93
N LEU B 194 -21.57 3.85 -21.59
CA LEU B 194 -22.05 4.97 -22.36
C LEU B 194 -21.59 4.87 -23.80
N CYS B 195 -22.54 4.89 -24.72
CA CYS B 195 -22.25 4.86 -26.14
C CYS B 195 -21.51 6.14 -26.57
N ASP B 196 -21.78 7.25 -25.91
CA ASP B 196 -20.91 8.41 -26.07
C ASP B 196 -20.15 8.68 -24.78
N PRO B 197 -19.06 7.93 -24.56
CA PRO B 197 -18.36 7.87 -23.27
C PRO B 197 -17.53 9.11 -22.95
N ASN B 198 -17.35 9.40 -21.67
CA ASN B 198 -16.50 10.51 -21.28
C ASN B 198 -15.33 10.10 -20.37
N ILE B 199 -15.14 8.81 -20.12
CA ILE B 199 -13.90 8.34 -19.51
C ILE B 199 -13.32 7.16 -20.31
N ILE B 200 -12.01 7.03 -20.30
CA ILE B 200 -11.36 5.91 -20.98
C ILE B 200 -10.48 5.13 -20.02
N PRO B 201 -10.35 3.84 -20.26
CA PRO B 201 -9.42 3.06 -19.44
C PRO B 201 -7.99 3.15 -19.96
N VAL B 202 -7.01 3.25 -19.08
CA VAL B 202 -5.62 3.05 -19.52
C VAL B 202 -4.95 2.00 -18.64
N ARG B 203 -4.14 1.16 -19.29
CA ARG B 203 -3.40 0.15 -18.57
C ARG B 203 -2.14 0.77 -17.93
N VAL B 204 -1.96 0.56 -16.63
CA VAL B 204 -0.90 1.24 -15.86
C VAL B 204 -0.12 0.31 -14.93
N PHE B 205 1.18 0.53 -14.81
CA PHE B 205 2.00 -0.18 -13.83
C PHE B 205 2.61 0.73 -12.78
N MET B 206 2.66 0.22 -11.56
CA MET B 206 3.12 1.01 -10.44
C MET B 206 4.12 0.23 -9.56
N LEU B 207 3.63 -0.53 -8.59
CA LEU B 207 4.52 -1.22 -7.66
C LEU B 207 5.24 -2.43 -8.26
N HIS B 208 4.65 -3.01 -9.28
CA HIS B 208 5.25 -4.15 -9.97
C HIS B 208 5.07 -3.96 -11.47
N GLN B 209 5.78 -4.75 -12.26
CA GLN B 209 5.70 -4.64 -13.71
C GLN B 209 5.45 -5.99 -14.36
N ASP B 210 4.60 -6.77 -13.71
CA ASP B 210 4.05 -8.02 -14.27
C ASP B 210 3.02 -7.70 -15.37
N LEU B 211 3.41 -7.85 -16.64
CA LEU B 211 2.58 -7.39 -17.75
C LEU B 211 1.23 -8.11 -17.89
N ARG B 212 1.12 -9.28 -17.25
CA ARG B 212 -0.15 -10.00 -17.13
C ARG B 212 -1.14 -9.26 -16.27
N PHE B 213 -0.66 -8.39 -15.40
CA PHE B 213 -1.59 -7.72 -14.51
C PHE B 213 -1.47 -6.19 -14.50
N PRO B 214 -1.81 -5.55 -15.63
CA PRO B 214 -1.91 -4.08 -15.61
C PRO B 214 -3.06 -3.62 -14.70
N ARG B 215 -2.98 -2.40 -14.19
CA ARG B 215 -4.08 -1.85 -13.41
C ARG B 215 -4.82 -0.85 -14.29
N ILE B 216 -6.14 -0.78 -14.11
CA ILE B 216 -7.00 0.00 -15.00
C ILE B 216 -7.34 1.38 -14.42
N ALA B 217 -6.83 2.42 -15.08
CA ALA B 217 -7.09 3.78 -14.65
C ALA B 217 -8.02 4.50 -15.62
N PHE B 218 -9.03 5.14 -15.05
CA PHE B 218 -9.99 5.90 -15.84
C PHE B 218 -9.61 7.35 -15.86
N PHE B 219 -9.42 7.91 -17.05
CA PHE B 219 -9.21 9.34 -17.24
C PHE B 219 -10.36 9.90 -18.05
N SER B 220 -10.66 11.17 -17.88
CA SER B 220 -11.71 11.84 -18.66
C SER B 220 -11.29 12.10 -20.12
N SER B 221 -12.19 11.82 -21.07
CA SER B 221 -11.88 12.03 -22.47
C SER B 221 -12.28 13.43 -22.93
N ARG B 222 -12.96 14.16 -22.07
CA ARG B 222 -13.42 15.50 -22.40
C ARG B 222 -13.76 16.22 -21.09
N ASP B 223 -14.05 17.52 -21.18
CA ASP B 223 -14.53 18.26 -20.02
C ASP B 223 -15.86 17.68 -19.58
N ILE B 224 -16.02 17.57 -18.27
CA ILE B 224 -17.24 17.00 -17.74
C ILE B 224 -17.88 18.00 -16.80
N ARG B 225 -19.14 18.33 -17.06
CA ARG B 225 -19.87 19.27 -16.24
C ARG B 225 -20.36 18.63 -14.96
N THR B 226 -20.68 19.46 -13.98
CA THR B 226 -21.20 18.97 -12.71
C THR B 226 -22.51 18.18 -12.86
N GLY B 227 -22.55 16.97 -12.29
CA GLY B 227 -23.77 16.17 -12.32
C GLY B 227 -23.84 15.23 -13.51
N GLU B 228 -22.87 15.36 -14.40
CA GLU B 228 -22.84 14.53 -15.59
C GLU B 228 -22.55 13.07 -15.17
N GLU B 229 -23.30 12.12 -15.73
CA GLU B 229 -22.99 10.73 -15.48
C GLU B 229 -21.69 10.32 -16.17
N LEU B 230 -20.84 9.61 -15.44
CA LEU B 230 -19.61 9.04 -16.00
C LEU B 230 -19.93 7.72 -16.69
N GLY B 231 -19.34 7.49 -17.85
CA GLY B 231 -19.47 6.20 -18.50
C GLY B 231 -18.32 5.91 -19.42
N PHE B 232 -17.98 4.64 -19.54
CA PHE B 232 -17.02 4.21 -20.55
C PHE B 232 -17.67 3.23 -21.50
N ASP B 233 -16.95 2.88 -22.55
CA ASP B 233 -17.40 1.87 -23.52
C ASP B 233 -17.04 0.44 -23.07
N TYR B 234 -18.04 -0.36 -22.69
CA TYR B 234 -17.81 -1.73 -22.27
C TYR B 234 -17.23 -2.59 -23.40
N GLY B 235 -17.38 -2.16 -24.64
CA GLY B 235 -16.83 -2.95 -25.73
C GLY B 235 -17.81 -4.01 -26.18
N ASP B 236 -17.47 -4.66 -27.28
CA ASP B 236 -18.42 -5.54 -27.93
C ASP B 236 -18.51 -6.91 -27.28
N ARG B 237 -17.46 -7.33 -26.60
CA ARG B 237 -17.50 -8.66 -26.00
C ARG B 237 -18.61 -8.64 -24.96
N PHE B 238 -18.74 -7.51 -24.27
CA PHE B 238 -19.83 -7.33 -23.32
C PHE B 238 -21.21 -7.43 -24.01
N TRP B 239 -21.42 -6.60 -25.03
CA TRP B 239 -22.73 -6.50 -25.63
C TRP B 239 -23.10 -7.72 -26.48
N ASP B 240 -22.12 -8.39 -27.08
CA ASP B 240 -22.39 -9.64 -27.78
C ASP B 240 -23.01 -10.70 -26.87
N ILE B 241 -22.59 -10.73 -25.61
CA ILE B 241 -23.16 -11.66 -24.64
C ILE B 241 -24.48 -11.16 -24.06
N LYS B 242 -24.52 -9.89 -23.67
CA LYS B 242 -25.61 -9.34 -22.86
C LYS B 242 -26.87 -8.88 -23.60
N SER B 243 -26.77 -8.64 -24.91
CA SER B 243 -27.85 -7.98 -25.64
C SER B 243 -29.05 -8.88 -25.87
N LYS B 244 -28.85 -10.19 -25.80
CA LYS B 244 -29.99 -11.10 -25.92
C LYS B 244 -30.76 -11.16 -24.60
N TYR B 245 -30.28 -10.42 -23.61
CA TYR B 245 -30.93 -10.36 -22.31
C TYR B 245 -31.52 -8.96 -22.07
N PHE B 246 -30.78 -7.93 -22.47
CA PHE B 246 -31.24 -6.56 -22.38
C PHE B 246 -30.48 -5.65 -23.35
N THR B 247 -31.04 -4.48 -23.64
CA THR B 247 -30.43 -3.58 -24.64
C THR B 247 -30.07 -2.21 -24.02
N CYS B 248 -29.26 -1.45 -24.74
CA CYS B 248 -28.64 -0.27 -24.15
C CYS B 248 -29.63 0.87 -23.97
N GLN B 249 -29.46 1.60 -22.87
CA GLN B 249 -30.35 2.71 -22.53
C GLN B 249 -29.61 4.04 -22.37
N CYS B 250 -28.46 4.15 -23.00
CA CYS B 250 -27.64 5.36 -22.87
C CYS B 250 -28.36 6.55 -23.50
N GLY B 251 -29.22 6.25 -24.48
CA GLY B 251 -30.06 7.24 -25.07
C GLY B 251 -29.37 8.18 -26.04
N SER B 252 -28.07 7.97 -26.28
CA SER B 252 -27.37 8.83 -27.23
C SER B 252 -27.92 8.65 -28.62
N GLU B 253 -27.77 9.65 -29.48
CA GLU B 253 -28.26 9.43 -30.83
C GLU B 253 -27.17 8.68 -31.56
N LYS B 254 -26.05 8.51 -30.88
CA LYS B 254 -24.93 7.72 -31.37
C LYS B 254 -25.01 6.28 -30.89
N CYS B 255 -26.10 5.93 -30.19
CA CYS B 255 -26.19 4.61 -29.56
C CYS B 255 -25.99 3.47 -30.55
N LYS B 256 -25.14 2.53 -30.14
CA LYS B 256 -24.74 1.42 -31.00
C LYS B 256 -25.32 0.10 -30.45
N HIS B 257 -26.11 0.18 -29.38
CA HIS B 257 -26.60 -1.05 -28.76
C HIS B 257 -28.05 -1.03 -28.30
N SER B 258 -28.85 -0.08 -28.78
CA SER B 258 -30.28 -0.07 -28.48
C SER B 258 -30.98 -1.12 -29.32
N ALA B 259 -32.13 -1.58 -28.84
CA ALA B 259 -32.96 -2.50 -29.63
C ALA B 259 -33.19 -1.92 -31.02
N GLU B 260 -33.44 -0.61 -31.07
CA GLU B 260 -33.57 0.09 -32.33
C GLU B 260 -32.35 -0.10 -33.23
N ALA B 261 -31.17 0.28 -32.72
CA ALA B 261 -29.92 0.21 -33.48
C ALA B 261 -29.60 -1.21 -33.94
N ILE B 262 -29.79 -2.17 -33.05
CA ILE B 262 -29.51 -3.58 -33.34
C ILE B 262 -30.47 -4.14 -34.40
N ALA B 263 -31.73 -3.68 -34.41
CA ALA B 263 -32.67 -4.16 -35.40
C ALA B 263 -32.40 -3.57 -36.78
N LEU B 264 -31.96 -2.31 -36.82
CA LEU B 264 -31.70 -1.62 -38.08
C LEU B 264 -30.56 -2.30 -38.81
N GLU B 265 -29.67 -2.88 -38.02
CA GLU B 265 -28.51 -3.56 -38.58
C GLU B 265 -28.90 -4.85 -39.31
N GLN B 266 -29.72 -5.69 -38.67
CA GLN B 266 -30.13 -6.95 -39.29
C GLN B 266 -30.96 -6.83 -40.57
N SER B 267 -31.64 -5.71 -40.75
CA SER B 267 -32.39 -5.48 -41.97
C SER B 267 -31.43 -5.47 -43.16
N LYS B 268 -30.19 -5.10 -42.85
CA LYS B 268 -29.18 -4.89 -43.86
C LYS B 268 -28.12 -5.99 -43.79
ZN ZN C . -11.54 -2.08 12.90
ZN ZN D . -11.20 -5.71 12.18
ZN ZN E . -13.58 -4.38 14.96
ZN ZN F . 25.64 -2.57 26.17
N SAM G . 25.53 2.04 13.46
CA SAM G . 25.02 1.54 12.16
C SAM G . 25.44 2.46 11.03
O SAM G . 25.99 3.56 11.30
OXT SAM G . 25.22 2.05 9.87
CB SAM G . 23.50 1.39 12.22
CG SAM G . 23.09 0.20 13.08
SD SAM G . 23.36 -1.26 12.32
CE SAM G . 21.93 -2.06 12.05
C5' SAM G . 24.25 -2.26 13.30
C4' SAM G . 25.73 -1.87 13.45
O4' SAM G . 25.91 -0.65 14.21
C3' SAM G . 26.46 -2.94 14.23
O3' SAM G . 26.93 -3.97 13.37
C2' SAM G . 27.59 -2.15 14.88
O2' SAM G . 28.63 -1.94 13.93
C1' SAM G . 26.95 -0.81 15.19
N9 SAM G . 26.36 -0.81 16.56
C8 SAM G . 25.05 -0.83 16.81
N7 SAM G . 24.86 -0.84 18.14
C5 SAM G . 26.06 -0.84 18.73
C6 SAM G . 26.45 -0.86 20.07
N6 SAM G . 25.54 -0.88 21.06
N1 SAM G . 27.77 -0.86 20.36
C2 SAM G . 28.67 -0.86 19.36
N3 SAM G . 28.33 -0.85 18.06
C4 SAM G . 27.01 -0.84 17.73
C4 7L6 H . 21.17 -13.53 12.11
C5 7L6 H . 22.50 -13.48 11.69
C6 7L6 H . 22.98 -14.47 10.83
C8 7L6 H . 18.77 -18.07 11.59
N1 7L6 H . 22.17 -15.45 10.39
C3 7L6 H . 20.44 -18.79 10.11
N3 7L6 H . 20.39 -14.54 11.64
CAJ 7L6 H . 20.40 -17.47 9.35
NAR 7L6 H . 20.00 -16.52 10.37
C2 7L6 H . 20.86 -15.49 10.81
CAE 7L6 H . 20.67 -12.54 12.98
CAW 7L6 H . 21.50 -11.52 13.44
OAT 7L6 H . 21.08 -10.52 14.29
CAB 7L6 H . 19.73 -10.46 14.75
CAX 7L6 H . 22.82 -11.48 13.03
OAU 7L6 H . 23.60 -10.44 13.48
CAC 7L6 H . 25.01 -10.49 13.40
CAF 7L6 H . 23.33 -12.44 12.15
NAS 7L6 H . 24.28 -14.35 10.46
CBB 7L6 H . 25.20 -15.25 9.77
CAL 7L6 H . 25.24 -14.95 8.29
CAM 7L6 H . 24.99 -16.74 9.92
CAO 7L6 H . 26.23 -17.43 9.36
NBC 7L6 H . 26.51 -17.05 7.97
CAD 7L6 H . 27.82 -17.58 7.58
CAN 7L6 H . 26.51 -15.60 7.74
C1 7L6 H . 18.68 -16.69 10.96
O3 7L6 H . 19.14 -19.05 10.62
ZN ZN I . 9.79 9.76 -10.69
ZN ZN J . 10.87 6.44 -12.33
ZN ZN K . 12.26 9.75 -13.51
ZN ZN L . -26.09 3.28 -26.11
N SAM M . -25.81 -0.02 -13.12
CA SAM M . -25.20 -1.11 -12.33
C SAM M . -25.92 -1.25 -11.04
O SAM M . -27.07 -0.75 -10.92
OXT SAM M . -25.35 -1.91 -10.14
CB SAM M . -23.71 -0.81 -12.10
CG SAM M . -22.93 -1.03 -13.39
SD SAM M . -22.73 -2.65 -13.76
CE SAM M . -21.10 -2.93 -13.84
C5' SAM M . -23.31 -3.04 -15.28
C4' SAM M . -24.81 -3.35 -15.30
O4' SAM M . -25.58 -2.13 -15.20
C3' SAM M . -25.28 -4.02 -16.58
O3' SAM M . -25.21 -5.44 -16.55
C2' SAM M . -26.73 -3.56 -16.62
O2' SAM M . -27.49 -4.27 -15.63
C1' SAM M . -26.62 -2.13 -16.16
N9 SAM M . -26.19 -1.21 -17.25
C8 SAM M . -24.97 -0.66 -17.32
N7 SAM M . -24.89 0.12 -18.41
C5 SAM M . -26.08 0.05 -19.03
C6 SAM M . -26.58 0.65 -20.18
N6 SAM M . -25.79 1.48 -20.91
N1 SAM M . -27.86 0.39 -20.56
C2 SAM M . -28.63 -0.43 -19.84
N3 SAM M . -28.18 -1.02 -18.72
C4 SAM M . -26.90 -0.79 -18.30
C4 7L6 N . -15.91 -11.25 -20.24
C5 7L6 N . -17.12 -11.91 -20.16
C6 7L6 N . -17.12 -13.30 -20.10
C8 7L6 N . -11.77 -14.42 -21.77
N1 7L6 N . -15.94 -13.99 -20.14
C3 7L6 N . -12.91 -16.28 -20.84
N3 7L6 N . -14.75 -11.97 -20.27
CAJ 7L6 N . -13.54 -15.42 -19.75
NAR 7L6 N . -13.56 -14.06 -20.24
C2 7L6 N . -14.77 -13.33 -20.23
CAE 7L6 N . -15.89 -9.86 -20.29
CAW 7L6 N . -17.09 -9.12 -20.26
OAT 7L6 N . -17.06 -7.75 -20.31
CAB 7L6 N . -15.87 -7.02 -20.60
CAX 7L6 N . -18.30 -9.80 -20.17
OAU 7L6 N . -19.46 -9.07 -20.14
CAC 7L6 N . -20.72 -9.73 -20.00
CAF 7L6 N . -18.32 -11.19 -20.12
NAS 7L6 N . -18.29 -13.93 -20.01
CBB 7L6 N . -18.31 -15.34 -19.69
CAL 7L6 N . -19.19 -16.08 -20.70
CAM 7L6 N . -18.84 -15.51 -18.28
CAO 7L6 N . -19.02 -17.00 -17.95
NBC 7L6 N . -19.98 -17.57 -18.92
CAD 7L6 N . -20.27 -18.96 -18.53
CAN 7L6 N . -19.40 -17.52 -20.26
C1 7L6 N . -12.32 -13.45 -20.74
O3 7L6 N . -11.65 -15.73 -21.22
#